data_6LRY
#
_entry.id   6LRY
#
_cell.length_a   61.120
_cell.length_b   82.280
_cell.length_c   166.780
_cell.angle_alpha   90.000
_cell.angle_beta   90.000
_cell.angle_gamma   90.000
#
_symmetry.space_group_name_H-M   'P 2 21 21'
#
loop_
_entity.id
_entity.type
_entity.pdbx_description
1 polymer 'Endothelin receptor type B,Endolysin,Endothelin receptor type B'
2 polymer Sarafotoxin-B
#
loop_
_entity_poly.entity_id
_entity_poly.type
_entity_poly.pdbx_seq_one_letter_code
_entity_poly.pdbx_strand_id
1 'polypeptide(L)'
;GGGLAPAEVPKGDRTAGSPPRTISPPPCQGPIEIKETFKYINTVVSCLVFVLGIIGNSTLLYIIYKNKCMRNGPNILIAS
LALGDLLHIVIAIPINVYKLLAEDWPFGAEMCKLVPFIQKASVGITVLSLCALSIDRYRAVASWSRIKGIGVPKWTAVEI
VLIWVVSVVLAVPEAIGFDIITMDYKGSYLRICLLHPVQKTAFMQFYATAKDWWLFSFYFCLPLAITAFFYTLMTCEMLR
KNIFEMLRIDEGLRLKIYKDTEGYYTIGIGHLLTKSPSLNAAKSELDKAIGRNTNGVITKDEAEKLFNQDVDAAVRGILR
NAKLKPVYDSLDAVRRAALINMVFQMGETGVAGFTNSLRMLQQKRWDEAAVNLAKSRWYNQTPNRAKRVITTFRTGTWDA
YLNDHLKQRREVAKTVFCLVLVFALCWLPLHLARILKLTLYNQNDPNRCELLSFLLVLDYIGINMASLNSCANPIALYLV
SKRFKNAFKSALCCWAQSENLYFQ
;
A
2 'polypeptide(L)' CSCKDMTDKECLYFCHQDVIW B
#
# COMPACT_ATOMS: atom_id res chain seq x y z
N SER A 24 -4.53 3.92 -47.17
CA SER A 24 -3.79 5.08 -46.70
C SER A 24 -2.57 4.72 -45.83
N PRO A 25 -2.69 3.78 -44.90
CA PRO A 25 -1.50 3.34 -44.16
C PRO A 25 -0.81 2.20 -44.90
N PRO A 26 0.49 2.33 -45.14
CA PRO A 26 1.23 1.29 -45.87
C PRO A 26 1.36 0.02 -45.04
N PRO A 27 1.63 -1.13 -45.67
CA PRO A 27 1.75 -2.37 -44.92
C PRO A 27 3.10 -2.52 -44.23
N CYS A 28 3.35 -3.68 -43.62
CA CYS A 28 4.59 -3.99 -42.93
C CYS A 28 5.41 -4.98 -43.74
N GLN A 29 6.72 -4.73 -43.82
CA GLN A 29 7.62 -5.76 -44.32
C GLN A 29 7.93 -6.79 -43.24
N GLY A 30 7.95 -6.38 -41.99
CA GLY A 30 8.11 -7.30 -40.88
C GLY A 30 6.77 -7.78 -40.36
N PRO A 31 6.71 -9.03 -39.94
CA PRO A 31 5.43 -9.63 -39.55
C PRO A 31 5.07 -9.36 -38.08
N ILE A 32 3.84 -9.70 -37.74
CA ILE A 32 3.40 -9.79 -36.36
C ILE A 32 3.68 -11.20 -35.89
N GLU A 33 4.58 -11.34 -34.91
CA GLU A 33 5.09 -12.65 -34.55
C GLU A 33 5.36 -12.71 -33.05
N ILE A 34 5.36 -13.93 -32.53
CA ILE A 34 5.73 -14.21 -31.14
C ILE A 34 6.64 -15.42 -31.15
N LYS A 35 7.85 -15.27 -30.62
CA LYS A 35 8.81 -16.36 -30.62
C LYS A 35 8.29 -17.54 -29.81
N GLU A 36 8.60 -18.75 -30.27
CA GLU A 36 8.09 -19.96 -29.62
C GLU A 36 8.68 -20.13 -28.22
N THR A 37 9.89 -19.63 -27.99
CA THR A 37 10.50 -19.70 -26.67
C THR A 37 9.64 -18.97 -25.64
N PHE A 38 9.26 -17.74 -25.96
CA PHE A 38 8.38 -16.99 -25.06
C PHE A 38 7.05 -17.69 -24.89
N LYS A 39 6.51 -18.28 -25.97
CA LYS A 39 5.25 -19.00 -25.85
C LYS A 39 5.34 -20.10 -24.80
N TYR A 40 6.38 -20.94 -24.90
CA TYR A 40 6.53 -22.04 -23.95
C TYR A 40 6.72 -21.52 -22.52
N ILE A 41 7.66 -20.58 -22.33
CA ILE A 41 7.96 -20.15 -20.97
C ILE A 41 6.77 -19.41 -20.36
N ASN A 42 6.04 -18.64 -21.16
CA ASN A 42 4.90 -17.90 -20.66
C ASN A 42 3.73 -18.82 -20.34
N THR A 43 3.56 -19.89 -21.14
CA THR A 43 2.53 -20.87 -20.82
C THR A 43 2.85 -21.58 -19.51
N VAL A 44 4.12 -21.91 -19.28
CA VAL A 44 4.53 -22.51 -18.02
C VAL A 44 4.19 -21.57 -16.86
N VAL A 45 4.62 -20.31 -16.99
CA VAL A 45 4.37 -19.32 -15.93
C VAL A 45 2.88 -19.20 -15.66
N SER A 46 2.08 -19.10 -16.73
CA SER A 46 0.64 -18.88 -16.57
C SER A 46 -0.02 -20.08 -15.91
N CYS A 47 0.38 -21.30 -16.30
CA CYS A 47 -0.22 -22.48 -15.70
C CYS A 47 0.11 -22.57 -14.21
N LEU A 48 1.37 -22.32 -13.86
CA LEU A 48 1.75 -22.33 -12.45
C LEU A 48 0.97 -21.28 -11.66
N VAL A 49 0.87 -20.06 -12.21
CA VAL A 49 0.14 -19.00 -11.53
C VAL A 49 -1.32 -19.39 -11.35
N PHE A 50 -1.94 -19.95 -12.39
CA PHE A 50 -3.34 -20.34 -12.31
C PHE A 50 -3.57 -21.36 -11.20
N VAL A 51 -2.79 -22.44 -11.19
CA VAL A 51 -3.02 -23.50 -10.21
C VAL A 51 -2.75 -22.97 -8.80
N LEU A 52 -1.65 -22.22 -8.61
CA LEU A 52 -1.33 -21.74 -7.28
C LEU A 52 -2.37 -20.75 -6.77
N GLY A 53 -2.88 -19.87 -7.64
CA GLY A 53 -3.87 -18.91 -7.20
C GLY A 53 -5.21 -19.56 -6.88
N ILE A 54 -5.65 -20.49 -7.72
CA ILE A 54 -6.85 -21.27 -7.42
C ILE A 54 -6.73 -21.89 -6.04
N ILE A 55 -5.62 -22.61 -5.81
CA ILE A 55 -5.45 -23.32 -4.53
C ILE A 55 -5.43 -22.34 -3.37
N GLY A 56 -4.67 -21.24 -3.50
CA GLY A 56 -4.53 -20.33 -2.38
C GLY A 56 -5.84 -19.66 -2.00
N ASN A 57 -6.55 -19.12 -2.99
CA ASN A 57 -7.80 -18.43 -2.71
C ASN A 57 -8.88 -19.41 -2.24
N SER A 58 -8.85 -20.64 -2.76
CA SER A 58 -9.82 -21.64 -2.32
C SER A 58 -9.57 -22.03 -0.87
N THR A 59 -8.29 -22.20 -0.49
CA THR A 59 -7.97 -22.52 0.90
C THR A 59 -8.33 -21.37 1.84
N LEU A 60 -8.06 -20.13 1.41
CA LEU A 60 -8.47 -18.98 2.22
C LEU A 60 -9.98 -19.00 2.44
N LEU A 61 -10.75 -19.18 1.37
CA LEU A 61 -12.20 -19.24 1.51
C LEU A 61 -12.62 -20.41 2.39
N TYR A 62 -11.94 -21.55 2.30
CA TYR A 62 -12.35 -22.71 3.09
C TYR A 62 -12.10 -22.48 4.58
N ILE A 63 -10.93 -21.95 4.93
CA ILE A 63 -10.66 -21.69 6.34
C ILE A 63 -11.55 -20.57 6.86
N ILE A 64 -11.93 -19.61 6.01
CA ILE A 64 -12.85 -18.59 6.50
C ILE A 64 -14.25 -19.16 6.67
N TYR A 65 -14.66 -20.09 5.80
CA TYR A 65 -15.98 -20.68 5.89
C TYR A 65 -16.10 -21.60 7.10
N LYS A 66 -15.04 -22.37 7.40
CA LYS A 66 -15.06 -23.21 8.60
C LYS A 66 -14.88 -22.40 9.87
N ASN A 67 -14.43 -21.15 9.75
CA ASN A 67 -14.23 -20.28 10.92
C ASN A 67 -15.47 -19.43 11.14
N LYS A 68 -16.50 -20.08 11.68
CA LYS A 68 -17.77 -19.41 11.90
C LYS A 68 -17.68 -18.37 13.01
N CYS A 69 -16.76 -18.56 13.96
CA CYS A 69 -16.61 -17.59 15.04
C CYS A 69 -16.04 -16.28 14.52
N MET A 70 -15.03 -16.34 13.67
CA MET A 70 -14.44 -15.15 13.06
C MET A 70 -15.14 -14.74 11.76
N ARG A 71 -16.27 -15.37 11.42
CA ARG A 71 -17.00 -14.95 10.24
C ARG A 71 -17.43 -13.49 10.35
N ASN A 72 -17.75 -13.05 11.57
CA ASN A 72 -18.03 -11.64 11.81
C ASN A 72 -16.72 -10.92 12.09
N GLY A 73 -16.53 -9.78 11.41
CA GLY A 73 -15.31 -9.01 11.55
C GLY A 73 -14.78 -8.57 10.20
N PRO A 74 -13.50 -8.17 10.17
CA PRO A 74 -12.86 -7.78 8.89
C PRO A 74 -12.48 -8.96 8.01
N ASN A 75 -12.72 -10.18 8.46
CA ASN A 75 -12.47 -11.37 7.65
C ASN A 75 -13.33 -11.42 6.39
N ILE A 76 -14.49 -10.74 6.40
CA ILE A 76 -15.36 -10.76 5.23
C ILE A 76 -14.74 -9.96 4.09
N LEU A 77 -13.90 -8.98 4.40
CA LEU A 77 -13.16 -8.29 3.35
C LEU A 77 -12.10 -9.20 2.74
N ILE A 78 -11.48 -10.04 3.56
CA ILE A 78 -10.58 -11.06 3.03
C ILE A 78 -11.34 -12.02 2.13
N ALA A 79 -12.56 -12.38 2.54
CA ALA A 79 -13.39 -13.26 1.72
C ALA A 79 -13.69 -12.63 0.36
N SER A 80 -14.10 -11.36 0.37
CA SER A 80 -14.41 -10.67 -0.88
C SER A 80 -13.17 -10.52 -1.76
N LEU A 81 -12.01 -10.25 -1.14
CA LEU A 81 -10.77 -10.14 -1.89
C LEU A 81 -10.40 -11.47 -2.55
N ALA A 82 -10.53 -12.58 -1.81
CA ALA A 82 -10.23 -13.88 -2.37
C ALA A 82 -11.21 -14.25 -3.47
N LEU A 83 -12.48 -13.86 -3.33
CA LEU A 83 -13.47 -14.11 -4.37
C LEU A 83 -13.11 -13.36 -5.65
N GLY A 84 -12.74 -12.07 -5.52
CA GLY A 84 -12.30 -11.32 -6.67
C GLY A 84 -11.07 -11.94 -7.33
N ASP A 85 -10.10 -12.37 -6.51
CA ASP A 85 -8.91 -13.01 -7.04
C ASP A 85 -9.25 -14.26 -7.83
N LEU A 86 -10.07 -15.13 -7.25
CA LEU A 86 -10.40 -16.39 -7.91
C LEU A 86 -11.16 -16.15 -9.20
N LEU A 87 -12.12 -15.22 -9.19
CA LEU A 87 -12.86 -14.90 -10.41
C LEU A 87 -11.92 -14.36 -11.48
N HIS A 88 -11.02 -13.46 -11.09
CA HIS A 88 -10.07 -12.88 -12.04
C HIS A 88 -9.19 -13.94 -12.66
N ILE A 89 -8.66 -14.85 -11.83
CA ILE A 89 -7.82 -15.93 -12.35
C ILE A 89 -8.62 -16.79 -13.33
N VAL A 90 -9.80 -17.25 -12.90
CA VAL A 90 -10.60 -18.18 -13.68
C VAL A 90 -10.95 -17.58 -15.04
N ILE A 91 -11.20 -16.28 -15.09
CA ILE A 91 -11.58 -15.67 -16.36
C ILE A 91 -10.36 -15.28 -17.20
N ALA A 92 -9.25 -14.88 -16.57
CA ALA A 92 -8.18 -14.26 -17.33
C ALA A 92 -7.16 -15.27 -17.85
N ILE A 93 -6.83 -16.30 -17.07
CA ILE A 93 -5.74 -17.19 -17.48
C ILE A 93 -6.12 -18.05 -18.69
N PRO A 94 -7.23 -18.80 -18.66
CA PRO A 94 -7.48 -19.72 -19.77
C PRO A 94 -7.74 -19.03 -21.11
N ILE A 95 -8.45 -17.90 -21.10
CA ILE A 95 -8.78 -17.26 -22.37
C ILE A 95 -7.52 -16.69 -23.04
N ASN A 96 -6.59 -16.17 -22.24
CA ASN A 96 -5.34 -15.68 -22.81
C ASN A 96 -4.42 -16.81 -23.22
N VAL A 97 -4.43 -17.93 -22.48
CA VAL A 97 -3.73 -19.12 -22.96
C VAL A 97 -4.24 -19.53 -24.34
N TYR A 98 -5.56 -19.53 -24.50
CA TYR A 98 -6.15 -19.90 -25.79
C TYR A 98 -5.76 -18.90 -26.86
N LYS A 99 -5.85 -17.59 -26.56
CA LYS A 99 -5.46 -16.58 -27.52
C LYS A 99 -4.01 -16.73 -27.95
N LEU A 100 -3.15 -17.19 -27.04
CA LEU A 100 -1.75 -17.41 -27.40
C LEU A 100 -1.59 -18.66 -28.26
N LEU A 101 -2.39 -19.70 -27.98
CA LEU A 101 -2.23 -20.97 -28.69
C LEU A 101 -2.97 -20.99 -30.02
N ALA A 102 -4.31 -20.98 -29.98
CA ALA A 102 -5.08 -21.21 -31.19
C ALA A 102 -5.02 -20.04 -32.16
N GLU A 103 -4.77 -18.83 -31.66
CA GLU A 103 -4.69 -17.60 -32.44
C GLU A 103 -5.92 -17.35 -33.31
N ASP A 104 -7.07 -17.90 -32.93
CA ASP A 104 -8.35 -17.61 -33.57
C ASP A 104 -9.45 -18.20 -32.70
N TRP A 105 -10.49 -17.41 -32.40
CA TRP A 105 -11.38 -17.85 -31.34
C TRP A 105 -12.80 -18.05 -31.84
N PRO A 106 -13.52 -19.06 -31.32
CA PRO A 106 -14.83 -19.40 -31.89
C PRO A 106 -15.99 -19.18 -30.94
N PHE A 107 -15.78 -18.40 -29.88
CA PHE A 107 -16.74 -18.35 -28.78
C PHE A 107 -17.90 -17.38 -29.00
N GLY A 108 -17.80 -16.47 -29.96
CA GLY A 108 -18.94 -15.67 -30.35
C GLY A 108 -18.96 -14.31 -29.66
N ALA A 109 -19.80 -13.42 -30.22
CA ALA A 109 -19.89 -12.05 -29.71
C ALA A 109 -20.44 -12.03 -28.29
N GLU A 110 -21.27 -13.01 -27.94
CA GLU A 110 -21.68 -13.20 -26.56
C GLU A 110 -20.46 -13.20 -25.63
N MET A 111 -19.48 -14.06 -25.91
CA MET A 111 -18.29 -14.11 -25.07
C MET A 111 -17.40 -12.89 -25.27
N CYS A 112 -17.38 -12.34 -26.48
CA CYS A 112 -16.58 -11.14 -26.73
C CYS A 112 -17.02 -9.98 -25.85
N LYS A 113 -18.32 -9.91 -25.54
CA LYS A 113 -18.81 -8.93 -24.58
C LYS A 113 -18.74 -9.42 -23.14
N LEU A 114 -18.85 -10.73 -22.92
CA LEU A 114 -18.93 -11.27 -21.57
C LEU A 114 -17.59 -11.26 -20.85
N VAL A 115 -16.50 -11.58 -21.57
CA VAL A 115 -15.20 -11.78 -20.93
C VAL A 115 -14.65 -10.47 -20.36
N PRO A 116 -14.48 -9.41 -21.15
CA PRO A 116 -13.91 -8.18 -20.56
C PRO A 116 -14.75 -7.60 -19.45
N PHE A 117 -16.07 -7.78 -19.52
CA PHE A 117 -16.97 -7.31 -18.47
C PHE A 117 -16.61 -7.93 -17.12
N ILE A 118 -16.68 -9.27 -17.04
CA ILE A 118 -16.38 -9.95 -15.78
C ILE A 118 -14.92 -9.73 -15.39
N GLN A 119 -14.02 -9.61 -16.36
CA GLN A 119 -12.61 -9.39 -16.05
C GLN A 119 -12.40 -8.08 -15.32
N LYS A 120 -12.92 -6.98 -15.89
CA LYS A 120 -12.77 -5.68 -15.25
C LYS A 120 -13.59 -5.58 -13.98
N ALA A 121 -14.70 -6.32 -13.90
CA ALA A 121 -15.45 -6.38 -12.65
C ALA A 121 -14.61 -7.00 -11.54
N SER A 122 -13.91 -8.10 -11.85
CA SER A 122 -13.06 -8.74 -10.86
C SER A 122 -11.89 -7.85 -10.48
N VAL A 123 -11.33 -7.13 -11.47
CA VAL A 123 -10.27 -6.17 -11.18
C VAL A 123 -10.74 -5.11 -10.19
N GLY A 124 -11.95 -4.58 -10.44
CA GLY A 124 -12.49 -3.58 -9.53
C GLY A 124 -12.77 -4.13 -8.14
N ILE A 125 -13.29 -5.36 -8.08
CA ILE A 125 -13.55 -5.99 -6.78
C ILE A 125 -12.24 -6.12 -6.00
N THR A 126 -11.20 -6.63 -6.65
CA THR A 126 -9.90 -6.77 -5.99
C THR A 126 -9.37 -5.43 -5.51
N VAL A 127 -9.34 -4.42 -6.41
CA VAL A 127 -8.81 -3.12 -6.05
C VAL A 127 -9.56 -2.54 -4.86
N LEU A 128 -10.89 -2.49 -4.95
CA LEU A 128 -11.68 -1.82 -3.91
C LEU A 128 -11.63 -2.59 -2.60
N SER A 129 -11.68 -3.93 -2.65
CA SER A 129 -11.64 -4.70 -1.43
C SER A 129 -10.29 -4.58 -0.73
N LEU A 130 -9.20 -4.58 -1.49
CA LEU A 130 -7.89 -4.42 -0.86
C LEU A 130 -7.71 -3.02 -0.29
N CYS A 131 -8.15 -1.99 -1.03
CA CYS A 131 -8.07 -0.62 -0.51
C CYS A 131 -8.91 -0.47 0.75
N ALA A 132 -10.10 -1.07 0.77
CA ALA A 132 -10.95 -0.98 1.96
C ALA A 132 -10.37 -1.76 3.13
N LEU A 133 -9.68 -2.88 2.85
CA LEU A 133 -9.01 -3.60 3.93
C LEU A 133 -7.90 -2.76 4.53
N SER A 134 -7.12 -2.07 3.69
CA SER A 134 -6.06 -1.21 4.21
C SER A 134 -6.65 -0.05 5.01
N ILE A 135 -7.76 0.53 4.55
CA ILE A 135 -8.39 1.61 5.29
C ILE A 135 -8.95 1.11 6.62
N ASP A 136 -9.52 -0.10 6.62
CA ASP A 136 -10.00 -0.70 7.86
C ASP A 136 -8.86 -0.95 8.83
N ARG A 137 -7.69 -1.31 8.32
CA ARG A 137 -6.54 -1.52 9.20
C ARG A 137 -6.00 -0.19 9.74
N TYR A 138 -6.07 0.88 8.94
CA TYR A 138 -5.78 2.20 9.47
C TYR A 138 -6.79 2.59 10.56
N ARG A 139 -8.04 2.16 10.42
CA ARG A 139 -9.06 2.51 11.40
C ARG A 139 -8.89 1.74 12.69
N ALA A 140 -8.55 0.45 12.60
CA ALA A 140 -8.49 -0.41 13.79
C ALA A 140 -7.29 -0.11 14.68
N VAL A 141 -6.24 0.50 14.14
CA VAL A 141 -5.08 0.81 14.94
C VAL A 141 -5.21 2.17 15.63
N ALA A 142 -5.88 3.12 14.98
CA ALA A 142 -5.92 4.49 15.45
C ALA A 142 -6.76 4.62 16.72
N SER A 143 -6.55 5.73 17.43
CA SER A 143 -7.35 6.13 18.57
C SER A 143 -8.12 7.40 18.21
N TRP A 144 -8.86 7.92 19.20
CA TRP A 144 -9.71 9.10 19.00
C TRP A 144 -10.70 8.87 17.86
N SER A 145 -11.29 7.68 17.81
CA SER A 145 -12.17 7.29 16.72
C SER A 145 -13.63 7.42 17.14
N ARG A 146 -14.53 6.73 16.44
CA ARG A 146 -15.95 6.76 16.75
C ARG A 146 -16.28 5.69 17.78
N ILE A 147 -17.52 5.18 17.76
CA ILE A 147 -17.92 4.13 18.69
C ILE A 147 -17.11 2.86 18.44
N LYS A 148 -17.02 2.45 17.18
CA LYS A 148 -16.19 1.30 16.83
C LYS A 148 -15.11 1.68 15.81
N VAL A 152 -17.38 -0.35 11.14
CA VAL A 152 -16.78 -1.69 11.21
C VAL A 152 -17.79 -2.83 11.46
N PRO A 153 -18.61 -2.76 12.53
CA PRO A 153 -19.41 -3.95 12.88
C PRO A 153 -20.34 -4.45 11.79
N LYS A 154 -21.13 -3.56 11.20
CA LYS A 154 -22.20 -3.95 10.27
C LYS A 154 -22.14 -3.24 8.93
N TRP A 155 -21.81 -1.95 8.91
CA TRP A 155 -21.89 -1.19 7.66
C TRP A 155 -20.84 -1.60 6.64
N THR A 156 -19.90 -2.49 7.00
CA THR A 156 -18.91 -2.95 6.03
C THR A 156 -19.45 -4.01 5.09
N ALA A 157 -20.60 -4.62 5.42
CA ALA A 157 -21.25 -5.53 4.49
C ALA A 157 -21.99 -4.77 3.41
N VAL A 158 -22.73 -3.73 3.81
CA VAL A 158 -23.25 -2.78 2.83
C VAL A 158 -22.10 -2.20 2.00
N GLU A 159 -20.93 -2.04 2.61
CA GLU A 159 -19.76 -1.59 1.86
C GLU A 159 -19.33 -2.64 0.84
N ILE A 160 -19.49 -3.93 1.17
CA ILE A 160 -19.18 -4.98 0.20
C ILE A 160 -20.18 -4.94 -0.95
N VAL A 161 -21.47 -4.77 -0.64
CA VAL A 161 -22.47 -4.60 -1.70
C VAL A 161 -22.09 -3.43 -2.59
N LEU A 162 -21.68 -2.31 -2.00
CA LEU A 162 -21.31 -1.14 -2.77
C LEU A 162 -20.09 -1.42 -3.64
N ILE A 163 -19.09 -2.11 -3.09
CA ILE A 163 -17.89 -2.45 -3.85
C ILE A 163 -18.26 -3.26 -5.09
N TRP A 164 -19.02 -4.35 -4.89
CA TRP A 164 -19.36 -5.21 -6.02
C TRP A 164 -20.25 -4.49 -7.02
N VAL A 165 -21.15 -3.63 -6.54
CA VAL A 165 -22.06 -2.94 -7.45
C VAL A 165 -21.32 -1.90 -8.28
N VAL A 166 -20.46 -1.10 -7.64
CA VAL A 166 -19.66 -0.12 -8.37
C VAL A 166 -18.74 -0.83 -9.36
N SER A 167 -18.21 -1.99 -8.97
CA SER A 167 -17.37 -2.76 -9.89
C SER A 167 -18.15 -3.20 -11.12
N VAL A 168 -19.33 -3.80 -10.91
CA VAL A 168 -20.13 -4.28 -12.04
C VAL A 168 -20.59 -3.12 -12.92
N VAL A 169 -20.88 -1.97 -12.32
CA VAL A 169 -21.33 -0.83 -13.11
C VAL A 169 -20.18 -0.24 -13.93
N LEU A 170 -18.99 -0.14 -13.34
CA LEU A 170 -17.86 0.44 -14.04
C LEU A 170 -17.40 -0.44 -15.20
N ALA A 171 -17.60 -1.75 -15.12
CA ALA A 171 -17.14 -2.68 -16.14
C ALA A 171 -18.18 -2.94 -17.22
N VAL A 172 -19.19 -2.08 -17.34
CA VAL A 172 -20.26 -2.24 -18.32
C VAL A 172 -19.86 -1.72 -19.70
N PRO A 173 -19.21 -0.55 -19.81
CA PRO A 173 -18.73 -0.12 -21.15
C PRO A 173 -17.88 -1.17 -21.86
N GLU A 174 -17.19 -2.02 -21.11
CA GLU A 174 -16.52 -3.17 -21.73
C GLU A 174 -17.52 -4.06 -22.45
N ALA A 175 -18.57 -4.48 -21.74
CA ALA A 175 -19.57 -5.37 -22.31
C ALA A 175 -20.43 -4.70 -23.38
N ILE A 176 -20.38 -3.38 -23.48
CA ILE A 176 -21.15 -2.66 -24.50
C ILE A 176 -20.33 -2.41 -25.76
N GLY A 177 -19.04 -2.07 -25.59
CA GLY A 177 -18.22 -1.68 -26.72
C GLY A 177 -17.50 -2.79 -27.45
N PHE A 178 -17.38 -3.97 -26.85
CA PHE A 178 -16.68 -5.07 -27.49
C PHE A 178 -17.55 -5.72 -28.56
N ASP A 179 -16.90 -6.23 -29.60
CA ASP A 179 -17.61 -6.92 -30.66
C ASP A 179 -16.61 -7.70 -31.50
N ILE A 180 -17.14 -8.61 -32.32
CA ILE A 180 -16.33 -9.45 -33.20
C ILE A 180 -16.41 -8.91 -34.62
N ILE A 181 -15.26 -8.68 -35.24
CA ILE A 181 -15.19 -8.30 -36.64
C ILE A 181 -14.39 -9.33 -37.41
N THR A 182 -14.65 -9.41 -38.70
CA THR A 182 -13.93 -10.30 -39.60
C THR A 182 -13.24 -9.47 -40.67
N MET A 183 -12.18 -10.03 -41.25
CA MET A 183 -11.46 -9.34 -42.31
C MET A 183 -10.67 -10.34 -43.12
N ASP A 184 -10.40 -9.96 -44.38
CA ASP A 184 -9.49 -10.70 -45.24
C ASP A 184 -8.11 -10.06 -45.13
N TYR A 185 -7.19 -10.75 -44.48
CA TYR A 185 -5.85 -10.23 -44.19
C TYR A 185 -4.83 -11.11 -44.91
N LYS A 186 -4.19 -10.55 -45.93
CA LYS A 186 -3.06 -11.16 -46.64
C LYS A 186 -3.36 -12.59 -47.08
N GLY A 187 -4.64 -12.95 -47.19
CA GLY A 187 -5.01 -14.27 -47.66
C GLY A 187 -5.74 -15.14 -46.65
N SER A 188 -6.21 -14.57 -45.55
CA SER A 188 -6.89 -15.37 -44.54
C SER A 188 -8.09 -14.62 -43.97
N TYR A 189 -9.16 -15.35 -43.71
CA TYR A 189 -10.38 -14.79 -43.14
C TYR A 189 -10.28 -14.87 -41.63
N LEU A 190 -10.12 -13.72 -40.98
CA LEU A 190 -9.85 -13.65 -39.55
C LEU A 190 -11.08 -13.12 -38.82
N ARG A 191 -11.30 -13.67 -37.63
CA ARG A 191 -12.42 -13.32 -36.76
C ARG A 191 -11.82 -12.66 -35.52
N ILE A 192 -11.88 -11.34 -35.47
CA ILE A 192 -11.22 -10.55 -34.43
C ILE A 192 -12.26 -10.10 -33.43
N CYS A 193 -11.97 -10.28 -32.14
CA CYS A 193 -12.82 -9.79 -31.07
C CYS A 193 -12.07 -8.66 -30.37
N LEU A 194 -12.63 -7.45 -30.42
CA LEU A 194 -11.96 -6.30 -29.84
C LEU A 194 -12.98 -5.23 -29.52
N LEU A 195 -12.54 -4.22 -28.79
CA LEU A 195 -13.33 -3.01 -28.59
C LEU A 195 -13.39 -2.26 -29.91
N HIS A 196 -14.59 -2.14 -30.48
CA HIS A 196 -14.74 -1.68 -31.85
C HIS A 196 -14.18 -0.27 -32.01
N PRO A 197 -13.29 -0.04 -32.99
CA PRO A 197 -12.70 1.30 -33.15
C PRO A 197 -13.70 2.39 -33.51
N VAL A 198 -14.88 2.03 -34.02
CA VAL A 198 -15.96 2.99 -34.26
C VAL A 198 -17.16 2.55 -33.44
N GLN A 199 -17.86 3.52 -32.84
CA GLN A 199 -18.93 3.21 -31.91
C GLN A 199 -20.17 4.04 -32.22
N LYS A 200 -21.30 3.54 -31.72
CA LYS A 200 -22.60 4.17 -31.98
C LYS A 200 -22.83 5.36 -31.06
N THR A 201 -22.56 5.20 -29.77
CA THR A 201 -22.71 6.28 -28.81
C THR A 201 -21.51 7.22 -28.89
N ALA A 202 -21.76 8.51 -28.63
CA ALA A 202 -20.66 9.46 -28.55
C ALA A 202 -19.86 9.27 -27.28
N PHE A 203 -20.49 8.78 -26.21
CA PHE A 203 -19.77 8.46 -24.98
C PHE A 203 -18.92 7.22 -25.15
N MET A 204 -19.41 6.22 -25.89
CA MET A 204 -18.64 5.01 -26.13
C MET A 204 -17.43 5.30 -27.02
N GLN A 205 -17.53 6.28 -27.91
CA GLN A 205 -16.37 6.68 -28.69
C GLN A 205 -15.27 7.25 -27.79
N PHE A 206 -15.65 8.13 -26.85
CA PHE A 206 -14.67 8.66 -25.92
C PHE A 206 -14.11 7.57 -25.01
N TYR A 207 -14.94 6.59 -24.66
CA TYR A 207 -14.44 5.47 -23.87
C TYR A 207 -13.42 4.66 -24.66
N ALA A 208 -13.71 4.38 -25.93
CA ALA A 208 -12.73 3.70 -26.77
C ALA A 208 -11.46 4.52 -26.92
N THR A 209 -11.57 5.84 -26.86
CA THR A 209 -10.40 6.70 -26.98
C THR A 209 -9.53 6.67 -25.73
N ALA A 210 -10.16 6.71 -24.54
CA ALA A 210 -9.43 6.93 -23.29
C ALA A 210 -9.61 5.80 -22.28
N LYS A 211 -9.90 4.58 -22.75
CA LYS A 211 -10.06 3.45 -21.84
C LYS A 211 -8.79 3.17 -21.04
N ASP A 212 -7.63 3.20 -21.70
CA ASP A 212 -6.40 2.87 -21.00
C ASP A 212 -6.04 3.95 -19.97
N TRP A 213 -6.29 5.22 -20.30
CA TRP A 213 -6.08 6.28 -19.30
C TRP A 213 -7.04 6.12 -18.13
N TRP A 214 -8.31 5.80 -18.41
CA TRP A 214 -9.28 5.57 -17.34
C TRP A 214 -8.83 4.44 -16.42
N LEU A 215 -8.37 3.32 -17.01
CA LEU A 215 -7.94 2.19 -16.19
C LEU A 215 -6.69 2.54 -15.38
N PHE A 216 -5.71 3.18 -16.02
CA PHE A 216 -4.48 3.52 -15.31
C PHE A 216 -4.73 4.50 -14.17
N SER A 217 -5.68 5.41 -14.35
CA SER A 217 -5.96 6.38 -13.29
C SER A 217 -6.80 5.76 -12.18
N PHE A 218 -7.97 5.21 -12.52
CA PHE A 218 -8.89 4.74 -11.49
C PHE A 218 -8.39 3.47 -10.81
N TYR A 219 -7.99 2.47 -11.61
CA TYR A 219 -7.68 1.16 -11.07
C TYR A 219 -6.24 1.01 -10.60
N PHE A 220 -5.35 1.95 -10.93
CA PHE A 220 -3.97 1.87 -10.51
C PHE A 220 -3.53 3.09 -9.72
N CYS A 221 -3.55 4.29 -10.32
CA CYS A 221 -3.03 5.47 -9.64
C CYS A 221 -3.90 5.86 -8.44
N LEU A 222 -5.21 5.88 -8.62
CA LEU A 222 -6.11 6.31 -7.55
C LEU A 222 -5.97 5.49 -6.28
N PRO A 223 -6.12 4.15 -6.30
CA PRO A 223 -6.02 3.41 -5.05
C PRO A 223 -4.63 3.37 -4.49
N LEU A 224 -3.60 3.32 -5.35
CA LEU A 224 -2.22 3.42 -4.89
C LEU A 224 -2.01 4.68 -4.07
N ALA A 225 -2.40 5.83 -4.64
CA ALA A 225 -2.19 7.10 -3.95
C ALA A 225 -3.05 7.20 -2.69
N ILE A 226 -4.28 6.71 -2.74
CA ILE A 226 -5.16 6.78 -1.58
C ILE A 226 -4.60 5.94 -0.42
N THR A 227 -4.20 4.70 -0.71
CA THR A 227 -3.64 3.85 0.32
C THR A 227 -2.29 4.38 0.80
N ALA A 228 -1.51 5.03 -0.07
CA ALA A 228 -0.26 5.63 0.37
C ALA A 228 -0.51 6.78 1.34
N PHE A 229 -1.49 7.63 1.02
CA PHE A 229 -1.87 8.71 1.93
C PHE A 229 -2.32 8.16 3.28
N PHE A 230 -3.17 7.13 3.25
CA PHE A 230 -3.67 6.55 4.49
C PHE A 230 -2.53 5.92 5.30
N TYR A 231 -1.59 5.25 4.62
CA TYR A 231 -0.48 4.62 5.33
C TYR A 231 0.44 5.67 5.94
N THR A 232 0.70 6.76 5.23
CA THR A 232 1.55 7.81 5.79
C THR A 232 0.87 8.45 7.00
N LEU A 233 -0.43 8.73 6.88
CA LEU A 233 -1.20 9.23 8.02
C LEU A 233 -1.07 8.28 9.22
N MET A 234 -1.22 6.98 8.96
CA MET A 234 -1.18 6.00 10.03
C MET A 234 0.20 5.95 10.69
N THR A 235 1.27 6.00 9.88
CA THR A 235 2.61 5.92 10.45
C THR A 235 2.95 7.16 11.26
N CYS A 236 2.54 8.34 10.80
CA CYS A 236 2.76 9.54 11.59
C CYS A 236 1.98 9.50 12.90
N GLU A 237 0.72 9.05 12.83
CA GLU A 237 -0.09 8.91 14.04
C GLU A 237 0.58 7.95 15.03
N MET A 238 1.07 6.82 14.52
CA MET A 238 1.73 5.83 15.37
C MET A 238 2.99 6.42 16.00
N LEU A 239 3.79 7.14 15.22
CA LEU A 239 4.98 7.78 15.77
C LEU A 239 4.63 8.69 16.92
N ARG A 240 3.64 9.57 16.72
CA ARG A 240 3.25 10.52 17.77
C ARG A 240 2.77 9.78 19.02
N LYS A 241 1.85 8.83 18.85
CA LYS A 241 1.27 8.15 20.00
C LYS A 241 2.33 7.33 20.74
N ASN A 242 3.25 6.69 20.00
CA ASN A 242 4.26 5.87 20.64
C ASN A 242 5.29 6.71 21.39
N ILE A 243 5.71 7.84 20.82
CA ILE A 243 6.63 8.68 21.57
C ILE A 243 5.92 9.28 22.78
N PHE A 244 4.61 9.53 22.68
CA PHE A 244 3.86 10.00 23.84
C PHE A 244 3.86 8.95 24.95
N GLU A 245 3.60 7.69 24.59
CA GLU A 245 3.64 6.61 25.57
C GLU A 245 5.02 6.48 26.20
N MET A 246 6.06 6.52 25.37
CA MET A 246 7.44 6.38 25.85
C MET A 246 7.77 7.48 26.86
N LEU A 247 7.50 8.73 26.50
CA LEU A 247 7.85 9.83 27.39
C LEU A 247 6.93 9.90 28.61
N ARG A 248 5.70 9.37 28.50
CA ARG A 248 4.86 9.28 29.68
C ARG A 248 5.45 8.28 30.67
N ILE A 249 5.90 7.12 30.18
CA ILE A 249 6.49 6.12 31.07
C ILE A 249 7.81 6.65 31.66
N ASP A 250 8.64 7.28 30.82
CA ASP A 250 9.97 7.67 31.28
C ASP A 250 9.95 8.93 32.13
N GLU A 251 9.11 9.91 31.77
CA GLU A 251 9.10 11.21 32.44
C GLU A 251 7.98 11.32 33.47
N GLY A 252 6.73 11.22 33.02
CA GLY A 252 5.58 11.37 33.90
C GLY A 252 4.62 12.40 33.36
N LEU A 253 3.34 12.20 33.67
CA LEU A 253 2.27 13.05 33.16
C LEU A 253 1.58 13.73 34.33
N ARG A 254 1.68 15.07 34.38
CA ARG A 254 1.07 15.86 35.44
C ARG A 254 0.23 16.95 34.80
N LEU A 255 -1.05 17.02 35.18
CA LEU A 255 -1.98 17.97 34.58
C LEU A 255 -2.00 19.31 35.31
N LYS A 256 -1.35 19.42 36.46
CA LYS A 256 -1.29 20.66 37.23
C LYS A 256 0.15 21.13 37.35
N ILE A 257 0.32 22.44 37.51
CA ILE A 257 1.66 23.02 37.55
C ILE A 257 2.42 22.50 38.76
N TYR A 258 3.70 22.20 38.56
CA TYR A 258 4.58 21.77 39.63
C TYR A 258 5.98 22.34 39.38
N LYS A 259 6.78 22.40 40.44
CA LYS A 259 8.15 22.87 40.35
C LYS A 259 9.07 21.67 40.27
N ASP A 260 9.85 21.59 39.19
CA ASP A 260 10.66 20.40 38.92
C ASP A 260 11.86 20.36 39.85
N THR A 261 12.79 19.44 39.54
CA THR A 261 13.96 19.25 40.41
C THR A 261 14.86 20.48 40.40
N GLU A 262 14.99 21.15 39.27
CA GLU A 262 15.86 22.31 39.16
C GLU A 262 15.24 23.59 39.72
N GLY A 263 14.01 23.51 40.22
CA GLY A 263 13.40 24.66 40.87
C GLY A 263 12.70 25.63 39.93
N TYR A 264 11.98 25.11 38.94
CA TYR A 264 11.24 25.95 38.01
C TYR A 264 9.87 25.34 37.74
N TYR A 265 8.90 26.18 37.42
CA TYR A 265 7.53 25.74 37.22
C TYR A 265 7.39 25.03 35.88
N THR A 266 6.60 23.95 35.87
CA THR A 266 6.40 23.16 34.67
C THR A 266 5.07 22.43 34.78
N ILE A 267 4.66 21.80 33.68
CA ILE A 267 3.39 21.10 33.62
C ILE A 267 3.42 20.16 32.42
N GLY A 268 2.48 19.21 32.39
CA GLY A 268 2.39 18.26 31.29
C GLY A 268 3.45 17.17 31.39
N ILE A 269 4.24 17.01 30.33
CA ILE A 269 5.36 16.09 30.35
C ILE A 269 6.65 16.91 30.36
N GLY A 270 6.97 17.49 31.51
CA GLY A 270 8.21 18.23 31.67
C GLY A 270 8.35 19.43 30.75
N HIS A 271 7.29 20.20 30.57
CA HIS A 271 7.33 21.40 29.75
C HIS A 271 7.63 22.59 30.63
N LEU A 272 8.84 23.14 30.50
CA LEU A 272 9.24 24.30 31.30
C LEU A 272 8.41 25.52 30.91
N LEU A 273 7.88 26.21 31.91
CA LEU A 273 7.09 27.42 31.69
C LEU A 273 7.96 28.67 31.74
N THR A 274 8.70 28.86 32.83
CA THR A 274 9.58 30.02 32.97
C THR A 274 10.65 29.70 33.99
N LYS A 275 11.82 30.32 33.80
CA LYS A 275 12.89 30.24 34.79
C LYS A 275 12.72 31.26 35.91
N SER A 276 11.81 32.23 35.76
CA SER A 276 11.56 33.23 36.79
C SER A 276 10.70 32.65 37.90
N PRO A 277 10.92 33.04 39.15
CA PRO A 277 10.25 32.37 40.29
C PRO A 277 8.79 32.74 40.49
N SER A 278 8.17 33.48 39.56
CA SER A 278 6.79 33.92 39.73
C SER A 278 5.85 32.85 39.18
N LEU A 279 5.08 32.22 40.07
CA LEU A 279 4.04 31.30 39.63
C LEU A 279 3.01 32.00 38.74
N ASN A 280 2.74 33.27 39.00
CA ASN A 280 1.81 34.03 38.18
C ASN A 280 2.38 34.28 36.79
N ALA A 281 3.66 34.65 36.71
CA ALA A 281 4.32 34.78 35.41
C ALA A 281 4.46 33.43 34.72
N ALA A 282 4.33 32.32 35.44
CA ALA A 282 4.28 31.01 34.80
C ALA A 282 2.90 30.72 34.24
N LYS A 283 1.86 31.09 34.99
CA LYS A 283 0.49 31.03 34.46
C LYS A 283 0.36 31.86 33.21
N SER A 284 1.05 33.00 33.14
CA SER A 284 1.02 33.83 31.95
C SER A 284 1.51 33.05 30.73
N GLU A 285 2.70 32.45 30.83
CA GLU A 285 3.24 31.68 29.71
C GLU A 285 2.38 30.47 29.40
N LEU A 286 1.80 29.84 30.43
CA LEU A 286 0.95 28.68 30.20
C LEU A 286 -0.29 29.06 29.39
N ASP A 287 -0.97 30.14 29.78
CA ASP A 287 -2.11 30.61 29.03
C ASP A 287 -1.70 31.06 27.63
N LYS A 288 -0.51 31.65 27.51
CA LYS A 288 -0.01 32.05 26.20
C LYS A 288 0.19 30.84 25.28
N ALA A 289 0.56 29.70 25.86
CA ALA A 289 0.76 28.46 25.11
C ALA A 289 -0.53 27.72 24.80
N ILE A 290 -1.47 27.66 25.75
CA ILE A 290 -2.64 26.82 25.54
C ILE A 290 -3.72 27.54 24.74
N GLY A 291 -3.80 28.86 24.86
CA GLY A 291 -4.85 29.61 24.18
C GLY A 291 -6.16 29.66 24.94
N ARG A 292 -6.12 29.64 26.26
CA ARG A 292 -7.31 29.74 27.09
C ARG A 292 -6.88 30.11 28.50
N ASN A 293 -7.84 30.56 29.30
CA ASN A 293 -7.57 30.89 30.70
C ASN A 293 -7.48 29.58 31.48
N THR A 294 -6.25 29.10 31.64
CA THR A 294 -6.03 27.77 32.22
C THR A 294 -6.04 27.79 33.74
N ASN A 295 -5.50 28.84 34.35
CA ASN A 295 -5.31 28.91 35.80
C ASN A 295 -4.45 27.74 36.30
N GLY A 296 -3.49 27.34 35.49
CA GLY A 296 -2.52 26.33 35.89
C GLY A 296 -2.97 24.89 35.78
N VAL A 297 -4.10 24.63 35.13
CA VAL A 297 -4.62 23.27 34.98
C VAL A 297 -4.99 23.07 33.51
N ILE A 298 -4.59 21.92 32.95
CA ILE A 298 -4.85 21.59 31.56
C ILE A 298 -5.41 20.18 31.49
N THR A 299 -5.69 19.74 30.27
CA THR A 299 -6.28 18.43 30.00
C THR A 299 -5.22 17.45 29.50
N LYS A 300 -5.55 16.16 29.58
CA LYS A 300 -4.67 15.13 29.05
C LYS A 300 -4.43 15.33 27.55
N ASP A 301 -5.47 15.68 26.81
CA ASP A 301 -5.31 15.92 25.37
C ASP A 301 -4.59 17.24 25.10
N GLU A 302 -4.81 18.27 25.92
CA GLU A 302 -4.02 19.48 25.78
C GLU A 302 -2.56 19.21 26.11
N ALA A 303 -2.30 18.36 27.10
CA ALA A 303 -0.94 17.93 27.38
C ALA A 303 -0.36 17.18 26.20
N GLU A 304 -1.17 16.38 25.51
CA GLU A 304 -0.70 15.66 24.34
C GLU A 304 -0.34 16.60 23.20
N LYS A 305 -1.18 17.61 22.96
CA LYS A 305 -0.87 18.60 21.93
C LYS A 305 0.41 19.38 22.27
N LEU A 306 0.54 19.78 23.53
CA LEU A 306 1.76 20.47 23.95
C LEU A 306 2.98 19.57 23.82
N PHE A 307 2.83 18.27 24.08
CA PHE A 307 3.95 17.35 23.93
C PHE A 307 4.33 17.18 22.47
N ASN A 308 3.33 17.18 21.57
CA ASN A 308 3.64 17.13 20.14
C ASN A 308 4.38 18.39 19.70
N GLN A 309 3.95 19.54 20.21
CA GLN A 309 4.68 20.79 19.95
C GLN A 309 6.12 20.69 20.44
N ASP A 310 6.31 20.17 21.65
CA ASP A 310 7.66 20.03 22.20
C ASP A 310 8.51 19.07 21.37
N VAL A 311 7.90 17.99 20.89
CA VAL A 311 8.62 17.02 20.07
C VAL A 311 9.07 17.67 18.76
N ASP A 312 8.16 18.40 18.11
CA ASP A 312 8.53 19.07 16.86
C ASP A 312 9.60 20.13 17.10
N ALA A 313 9.52 20.85 18.23
CA ALA A 313 10.54 21.84 18.54
C ALA A 313 11.89 21.19 18.76
N ALA A 314 11.92 20.05 19.47
CA ALA A 314 13.17 19.34 19.69
C ALA A 314 13.75 18.84 18.37
N VAL A 315 12.90 18.30 17.49
CA VAL A 315 13.39 17.81 16.20
C VAL A 315 13.96 18.96 15.38
N ARG A 316 13.28 20.10 15.37
CA ARG A 316 13.77 21.24 14.61
C ARG A 316 15.09 21.76 15.18
N GLY A 317 15.22 21.79 16.50
CA GLY A 317 16.45 22.25 17.10
C GLY A 317 17.62 21.31 16.85
N ILE A 318 17.35 19.99 16.87
CA ILE A 318 18.41 19.01 16.67
C ILE A 318 19.05 19.19 15.30
N LEU A 319 18.22 19.42 14.26
CA LEU A 319 18.74 19.59 12.92
C LEU A 319 19.52 20.88 12.75
N ARG A 320 19.50 21.77 13.74
CA ARG A 320 20.35 22.95 13.75
C ARG A 320 21.58 22.79 14.64
N ASN A 321 21.89 21.56 15.03
CA ASN A 321 23.07 21.25 15.84
C ASN A 321 23.95 20.34 15.01
N ALA A 322 25.10 20.86 14.57
CA ALA A 322 25.96 20.09 13.67
C ALA A 322 26.50 18.82 14.34
N LYS A 323 26.56 18.82 15.67
CA LYS A 323 26.99 17.62 16.40
C LYS A 323 25.89 16.55 16.43
N LEU A 324 24.62 16.97 16.42
CA LEU A 324 23.51 16.03 16.54
C LEU A 324 22.79 15.78 15.23
N LYS A 325 22.92 16.66 14.25
CA LYS A 325 22.14 16.54 13.02
C LYS A 325 22.46 15.27 12.23
N PRO A 326 23.72 14.94 11.91
CA PRO A 326 23.96 13.72 11.13
C PRO A 326 23.58 12.46 11.89
N VAL A 327 23.74 12.45 13.21
CA VAL A 327 23.32 11.29 14.00
C VAL A 327 21.81 11.08 13.88
N TYR A 328 21.04 12.16 13.97
CA TYR A 328 19.59 12.06 13.82
C TYR A 328 19.22 11.60 12.42
N ASP A 329 19.82 12.23 11.39
CA ASP A 329 19.53 11.85 10.02
C ASP A 329 19.91 10.40 9.72
N SER A 330 20.85 9.84 10.48
CA SER A 330 21.26 8.46 10.27
C SER A 330 20.26 7.45 10.84
N LEU A 331 19.52 7.82 11.88
CA LEU A 331 18.73 6.85 12.62
C LEU A 331 17.36 6.64 11.97
N ASP A 332 16.73 5.53 12.35
CA ASP A 332 15.37 5.22 11.93
C ASP A 332 14.40 5.92 12.88
N ALA A 333 13.10 5.57 12.77
CA ALA A 333 12.08 6.30 13.53
C ALA A 333 12.18 6.02 15.02
N VAL A 334 12.32 4.74 15.40
CA VAL A 334 12.31 4.38 16.81
C VAL A 334 13.57 4.91 17.52
N ARG A 335 14.72 4.76 16.88
CA ARG A 335 15.95 5.29 17.49
C ARG A 335 15.95 6.81 17.47
N ARG A 336 15.33 7.43 16.47
CA ARG A 336 15.12 8.88 16.52
C ARG A 336 14.30 9.26 17.75
N ALA A 337 13.25 8.48 18.04
CA ALA A 337 12.43 8.77 19.22
C ALA A 337 13.22 8.60 20.51
N ALA A 338 14.09 7.59 20.56
CA ALA A 338 14.95 7.42 21.75
C ALA A 338 15.90 8.59 21.91
N LEU A 339 16.49 9.06 20.81
CA LEU A 339 17.37 10.23 20.88
C LEU A 339 16.59 11.47 21.31
N ILE A 340 15.35 11.60 20.85
CA ILE A 340 14.50 12.72 21.26
C ILE A 340 14.18 12.63 22.75
N ASN A 341 13.98 11.40 23.25
CA ASN A 341 13.82 11.20 24.69
C ASN A 341 15.05 11.71 25.43
N MET A 342 16.24 11.34 24.95
CA MET A 342 17.46 11.81 25.60
C MET A 342 17.58 13.34 25.56
N VAL A 343 17.22 13.95 24.44
CA VAL A 343 17.27 15.41 24.32
C VAL A 343 16.20 16.06 25.21
N PHE A 344 15.13 15.34 25.51
CA PHE A 344 14.17 15.83 26.49
C PHE A 344 14.76 15.81 27.89
N GLN A 345 15.40 14.70 28.27
CA GLN A 345 15.93 14.57 29.62
C GLN A 345 17.08 15.55 29.86
N MET A 346 18.06 15.56 28.98
CA MET A 346 19.24 16.41 29.11
C MET A 346 19.21 17.52 28.06
N GLY A 347 19.98 18.57 28.32
CA GLY A 347 20.08 19.65 27.36
C GLY A 347 20.59 19.17 26.02
N GLU A 348 20.30 19.96 24.99
CA GLU A 348 20.77 19.65 23.65
C GLU A 348 22.28 19.51 23.62
N THR A 349 22.98 20.44 24.27
CA THR A 349 24.43 20.30 24.43
C THR A 349 24.79 19.10 25.28
N GLY A 350 23.92 18.72 26.22
CA GLY A 350 24.19 17.53 27.02
C GLY A 350 24.23 16.28 26.18
N VAL A 351 23.25 16.12 25.29
CA VAL A 351 23.29 15.00 24.35
C VAL A 351 24.46 15.16 23.39
N ALA A 352 24.80 16.40 23.03
CA ALA A 352 25.99 16.63 22.21
C ALA A 352 27.27 16.18 22.90
N GLY A 353 27.26 16.08 24.23
CA GLY A 353 28.39 15.58 24.99
C GLY A 353 28.63 14.08 24.91
N PHE A 354 27.88 13.37 24.08
CA PHE A 354 28.01 11.92 23.93
C PHE A 354 28.69 11.56 22.61
N THR A 355 29.80 12.25 22.29
CA THR A 355 30.42 12.10 20.97
C THR A 355 30.77 10.66 20.67
N ASN A 356 31.18 9.90 21.67
CA ASN A 356 31.54 8.50 21.46
C ASN A 356 30.32 7.66 21.14
N SER A 357 29.31 7.71 22.01
CA SER A 357 28.09 6.92 21.80
C SER A 357 27.36 7.36 20.54
N LEU A 358 27.39 8.67 20.23
CA LEU A 358 26.81 9.13 18.98
C LEU A 358 27.57 8.60 17.78
N ARG A 359 28.90 8.50 17.89
CA ARG A 359 29.68 7.87 16.84
C ARG A 359 29.25 6.43 16.63
N MET A 360 29.09 5.68 17.72
CA MET A 360 28.71 4.27 17.59
C MET A 360 27.30 4.13 17.02
N LEU A 361 26.38 5.02 17.42
CA LEU A 361 25.01 4.94 16.92
C LEU A 361 24.95 5.30 15.43
N GLN A 362 25.72 6.30 15.01
CA GLN A 362 25.72 6.71 13.61
C GLN A 362 26.25 5.58 12.72
N GLN A 363 27.24 4.83 13.20
CA GLN A 363 27.77 3.69 12.48
C GLN A 363 26.94 2.42 12.65
N LYS A 364 25.77 2.53 13.29
CA LYS A 364 24.84 1.41 13.45
C LYS A 364 25.46 0.26 14.25
N ARG A 365 26.37 0.60 15.17
CA ARG A 365 26.96 -0.38 16.07
C ARG A 365 26.13 -0.38 17.35
N TRP A 366 25.07 -1.18 17.36
CA TRP A 366 24.04 -1.04 18.39
C TRP A 366 24.52 -1.53 19.74
N ASP A 367 25.04 -2.76 19.81
CA ASP A 367 25.40 -3.35 21.10
C ASP A 367 26.57 -2.61 21.74
N GLU A 368 27.53 -2.17 20.93
CA GLU A 368 28.66 -1.41 21.47
C GLU A 368 28.20 -0.07 22.00
N ALA A 369 27.29 0.61 21.29
CA ALA A 369 26.72 1.84 21.81
C ALA A 369 25.94 1.59 23.09
N ALA A 370 25.28 0.44 23.20
CA ALA A 370 24.55 0.11 24.42
C ALA A 370 25.50 -0.04 25.61
N VAL A 371 26.58 -0.80 25.41
CA VAL A 371 27.52 -1.01 26.52
C VAL A 371 28.26 0.28 26.85
N ASN A 372 28.40 1.19 25.87
CA ASN A 372 29.09 2.45 26.15
C ASN A 372 28.16 3.44 26.84
N LEU A 373 26.85 3.41 26.54
CA LEU A 373 25.90 4.25 27.24
C LEU A 373 25.64 3.75 28.65
N ALA A 374 25.67 2.43 28.86
CA ALA A 374 25.43 1.88 30.19
C ALA A 374 26.53 2.21 31.18
N LYS A 375 27.63 2.82 30.75
CA LYS A 375 28.71 3.22 31.63
C LYS A 375 28.68 4.71 31.99
N SER A 376 27.77 5.47 31.40
CA SER A 376 27.77 6.92 31.56
C SER A 376 27.19 7.32 32.92
N ARG A 377 27.38 8.60 33.26
CA ARG A 377 26.75 9.16 34.45
C ARG A 377 25.23 9.20 34.31
N TRP A 378 24.74 9.45 33.09
CA TRP A 378 23.30 9.47 32.85
C TRP A 378 22.65 8.14 33.20
N TYR A 379 23.35 7.03 32.92
CA TYR A 379 22.83 5.73 33.29
C TYR A 379 22.74 5.57 34.80
N ASN A 380 23.78 6.00 35.52
CA ASN A 380 23.83 5.81 36.96
C ASN A 380 22.83 6.70 37.69
N GLN A 381 22.55 7.89 37.15
CA GLN A 381 21.62 8.79 37.84
C GLN A 381 20.18 8.35 37.63
N THR A 382 19.81 7.98 36.40
CA THR A 382 18.44 7.57 36.07
C THR A 382 18.48 6.19 35.42
N PRO A 383 18.56 5.13 36.23
CA PRO A 383 18.77 3.80 35.65
C PRO A 383 17.59 3.24 34.88
N ASN A 384 16.35 3.50 35.33
CA ASN A 384 15.19 2.93 34.64
C ASN A 384 15.05 3.49 33.23
N ARG A 385 14.99 4.82 33.14
CA ARG A 385 14.89 5.49 31.84
C ARG A 385 16.08 5.13 30.95
N ALA A 386 17.28 5.05 31.54
CA ALA A 386 18.46 4.71 30.76
C ALA A 386 18.37 3.31 30.20
N LYS A 387 17.97 2.35 31.02
CA LYS A 387 17.84 0.97 30.56
C LYS A 387 16.81 0.86 29.44
N ARG A 388 15.66 1.52 29.60
CA ARG A 388 14.63 1.41 28.56
C ARG A 388 15.07 2.10 27.27
N VAL A 389 15.71 3.26 27.36
CA VAL A 389 16.17 3.96 26.17
C VAL A 389 17.28 3.17 25.48
N ILE A 390 18.16 2.53 26.26
CA ILE A 390 19.24 1.75 25.67
C ILE A 390 18.69 0.49 25.00
N THR A 391 17.67 -0.13 25.61
CA THR A 391 17.01 -1.24 24.96
C THR A 391 16.36 -0.81 23.66
N THR A 392 15.74 0.37 23.65
CA THR A 392 15.17 0.91 22.41
C THR A 392 16.25 1.12 21.36
N PHE A 393 17.41 1.63 21.75
CA PHE A 393 18.49 1.83 20.81
C PHE A 393 19.02 0.50 20.26
N ARG A 394 19.15 -0.50 21.13
CA ARG A 394 19.69 -1.79 20.71
C ARG A 394 18.72 -2.53 19.80
N THR A 395 17.51 -2.79 20.28
CA THR A 395 16.54 -3.58 19.52
C THR A 395 15.94 -2.80 18.36
N GLY A 396 15.85 -1.47 18.48
CA GLY A 396 15.21 -0.68 17.45
C GLY A 396 13.71 -0.80 17.41
N THR A 397 13.09 -1.25 18.50
CA THR A 397 11.65 -1.44 18.59
C THR A 397 11.11 -0.69 19.79
N TRP A 398 9.78 -0.72 19.95
CA TRP A 398 9.11 -0.17 21.12
C TRP A 398 8.81 -1.24 22.16
N ASP A 399 9.51 -2.38 22.11
CA ASP A 399 9.18 -3.50 22.98
C ASP A 399 9.27 -3.15 24.46
N ALA A 400 10.10 -2.16 24.81
CA ALA A 400 10.25 -1.81 26.21
C ALA A 400 9.02 -1.11 26.76
N TYR A 401 8.28 -0.39 25.91
CA TYR A 401 7.19 0.46 26.37
C TYR A 401 5.81 -0.07 26.02
N LEU A 402 5.56 -0.39 24.75
CA LEU A 402 4.22 -0.69 24.29
C LEU A 402 3.80 -2.12 24.70
N ASN A 403 2.50 -2.38 24.61
CA ASN A 403 1.94 -3.69 24.84
C ASN A 403 1.70 -4.41 23.52
N ASP A 404 1.38 -5.71 23.63
CA ASP A 404 1.37 -6.57 22.45
C ASP A 404 0.16 -6.34 21.54
N HIS A 405 -0.93 -5.78 22.06
CA HIS A 405 -2.07 -5.45 21.20
C HIS A 405 -1.64 -4.47 20.11
N LEU A 406 -1.01 -3.37 20.51
CA LEU A 406 -0.51 -2.38 19.55
C LEU A 406 0.45 -3.02 18.55
N LYS A 407 1.30 -3.93 19.02
CA LYS A 407 2.29 -4.53 18.14
C LYS A 407 1.65 -5.43 17.09
N GLN A 408 0.66 -6.22 17.49
CA GLN A 408 -0.06 -7.05 16.52
C GLN A 408 -0.81 -6.18 15.52
N ARG A 409 -1.39 -5.07 16.00
CA ARG A 409 -2.08 -4.14 15.09
C ARG A 409 -1.11 -3.57 14.06
N ARG A 410 0.07 -3.15 14.51
CA ARG A 410 1.09 -2.65 13.60
C ARG A 410 1.48 -3.70 12.58
N GLU A 411 1.68 -4.94 13.03
CA GLU A 411 2.04 -6.02 12.13
C GLU A 411 1.00 -6.19 11.03
N VAL A 412 -0.28 -6.26 11.41
CA VAL A 412 -1.34 -6.47 10.42
C VAL A 412 -1.41 -5.31 9.44
N ALA A 413 -1.32 -4.08 9.95
CA ALA A 413 -1.40 -2.91 9.07
C ALA A 413 -0.25 -2.91 8.06
N LYS A 414 0.97 -3.18 8.55
CA LYS A 414 2.13 -3.21 7.65
C LYS A 414 2.01 -4.33 6.63
N THR A 415 1.43 -5.47 7.02
CA THR A 415 1.20 -6.56 6.06
C THR A 415 0.28 -6.10 4.95
N VAL A 416 -0.84 -5.46 5.30
CA VAL A 416 -1.78 -5.05 4.27
C VAL A 416 -1.15 -3.99 3.36
N PHE A 417 -0.32 -3.11 3.94
CA PHE A 417 0.36 -2.11 3.12
C PHE A 417 1.36 -2.75 2.16
N CYS A 418 2.14 -3.72 2.65
CA CYS A 418 3.03 -4.44 1.74
C CYS A 418 2.24 -5.14 0.65
N LEU A 419 1.02 -5.59 0.96
CA LEU A 419 0.15 -6.15 -0.09
C LEU A 419 -0.20 -5.11 -1.14
N VAL A 420 -0.57 -3.89 -0.71
CA VAL A 420 -0.89 -2.88 -1.71
C VAL A 420 0.34 -2.57 -2.55
N LEU A 421 1.53 -2.67 -1.97
CA LEU A 421 2.75 -2.44 -2.73
C LEU A 421 2.98 -3.55 -3.77
N VAL A 422 2.78 -4.80 -3.35
CA VAL A 422 2.84 -5.92 -4.29
C VAL A 422 1.87 -5.70 -5.44
N PHE A 423 0.66 -5.23 -5.13
CA PHE A 423 -0.31 -4.91 -6.17
C PHE A 423 0.24 -3.85 -7.11
N ALA A 424 0.72 -2.74 -6.55
CA ALA A 424 1.17 -1.62 -7.37
C ALA A 424 2.33 -2.00 -8.27
N LEU A 425 3.15 -2.97 -7.85
CA LEU A 425 4.27 -3.37 -8.71
C LEU A 425 3.90 -4.49 -9.67
N CYS A 426 2.89 -5.31 -9.36
CA CYS A 426 2.51 -6.37 -10.27
C CYS A 426 1.64 -5.86 -11.41
N TRP A 427 0.81 -4.86 -11.16
CA TRP A 427 -0.11 -4.35 -12.17
C TRP A 427 0.50 -3.26 -13.04
N LEU A 428 1.66 -2.74 -12.67
CA LEU A 428 2.29 -1.70 -13.48
C LEU A 428 2.62 -2.13 -14.92
N PRO A 429 3.17 -3.32 -15.19
CA PRO A 429 3.59 -3.62 -16.56
C PRO A 429 2.46 -3.66 -17.58
N LEU A 430 1.28 -4.19 -17.22
CA LEU A 430 0.18 -4.25 -18.18
C LEU A 430 -0.30 -2.84 -18.54
N HIS A 431 -0.52 -2.01 -17.52
CA HIS A 431 -0.88 -0.62 -17.75
C HIS A 431 0.16 0.08 -18.62
N LEU A 432 1.44 -0.15 -18.32
CA LEU A 432 2.49 0.52 -19.07
C LEU A 432 2.52 0.04 -20.52
N ALA A 433 2.23 -1.24 -20.76
CA ALA A 433 2.18 -1.74 -22.13
C ALA A 433 1.04 -1.08 -22.91
N ARG A 434 -0.13 -0.97 -22.28
CA ARG A 434 -1.25 -0.28 -22.94
C ARG A 434 -0.91 1.18 -23.22
N ILE A 435 -0.26 1.84 -22.26
CA ILE A 435 0.10 3.24 -22.43
C ILE A 435 1.11 3.40 -23.56
N LEU A 436 2.06 2.46 -23.67
CA LEU A 436 3.03 2.51 -24.75
C LEU A 436 2.36 2.32 -26.10
N LYS A 437 1.41 1.38 -26.17
CA LYS A 437 0.65 1.20 -27.40
C LYS A 437 -0.08 2.48 -27.80
N LEU A 438 -0.65 3.17 -26.81
CA LEU A 438 -1.38 4.41 -27.12
C LEU A 438 -0.43 5.54 -27.51
N THR A 439 0.76 5.59 -26.92
CA THR A 439 1.63 6.75 -27.06
C THR A 439 2.57 6.65 -28.25
N LEU A 440 3.02 5.46 -28.63
CA LEU A 440 4.09 5.33 -29.61
C LEU A 440 3.64 4.80 -30.97
N TYR A 441 2.43 4.28 -31.09
CA TYR A 441 2.02 3.69 -32.37
C TYR A 441 1.79 4.79 -33.40
N ASN A 442 2.36 4.59 -34.58
CA ASN A 442 2.18 5.47 -35.72
C ASN A 442 1.77 4.63 -36.91
N GLN A 443 0.58 4.87 -37.45
CA GLN A 443 0.07 4.09 -38.58
C GLN A 443 0.99 4.17 -39.79
N ASN A 444 1.73 5.27 -39.94
CA ASN A 444 2.47 5.50 -41.19
C ASN A 444 3.77 4.70 -41.25
N ASP A 445 4.35 4.35 -40.11
CA ASP A 445 5.65 3.70 -40.10
C ASP A 445 5.58 2.33 -40.79
N PRO A 446 6.54 1.99 -41.67
CA PRO A 446 6.51 0.69 -42.33
C PRO A 446 6.91 -0.47 -41.43
N ASN A 447 7.89 -0.23 -40.55
CA ASN A 447 8.43 -1.27 -39.67
C ASN A 447 7.91 -1.15 -38.24
N ARG A 448 6.71 -0.59 -38.08
CA ARG A 448 6.08 -0.47 -36.76
C ARG A 448 5.73 -1.83 -36.16
N CYS A 449 5.67 -2.88 -36.99
CA CYS A 449 5.28 -4.19 -36.50
C CYS A 449 6.31 -4.78 -35.55
N GLU A 450 7.54 -4.28 -35.56
CA GLU A 450 8.48 -4.59 -34.49
C GLU A 450 7.91 -4.15 -33.14
N LEU A 451 7.52 -2.88 -33.04
CA LEU A 451 6.87 -2.38 -31.83
C LEU A 451 5.59 -3.16 -31.54
N LEU A 452 4.89 -3.61 -32.58
CA LEU A 452 3.66 -4.37 -32.36
C LEU A 452 3.93 -5.71 -31.69
N SER A 453 4.90 -6.46 -32.20
CA SER A 453 5.26 -7.73 -31.57
C SER A 453 5.79 -7.50 -30.16
N PHE A 454 6.55 -6.42 -29.97
CA PHE A 454 7.02 -6.04 -28.65
C PHE A 454 5.85 -5.88 -27.68
N LEU A 455 4.85 -5.09 -28.09
CA LEU A 455 3.68 -4.87 -27.25
C LEU A 455 2.88 -6.16 -27.03
N LEU A 456 2.87 -7.06 -28.01
CA LEU A 456 2.22 -8.36 -27.82
C LEU A 456 2.88 -9.11 -26.66
N VAL A 457 4.21 -9.22 -26.69
CA VAL A 457 4.92 -9.89 -25.61
C VAL A 457 4.65 -9.19 -24.28
N LEU A 458 4.64 -7.86 -24.29
CA LEU A 458 4.42 -7.11 -23.06
C LEU A 458 3.02 -7.36 -22.49
N ASP A 459 2.02 -7.49 -23.36
CA ASP A 459 0.66 -7.74 -22.89
C ASP A 459 0.54 -9.14 -22.31
N TYR A 460 1.12 -10.14 -22.98
CA TYR A 460 1.07 -11.49 -22.43
C TYR A 460 1.89 -11.63 -21.16
N ILE A 461 2.85 -10.73 -20.93
CA ILE A 461 3.57 -10.72 -19.65
C ILE A 461 2.75 -10.00 -18.58
N GLY A 462 2.05 -8.92 -18.95
CA GLY A 462 1.26 -8.19 -17.98
C GLY A 462 0.08 -8.99 -17.46
N ILE A 463 -0.52 -9.80 -18.32
CA ILE A 463 -1.56 -10.72 -17.85
C ILE A 463 -1.01 -11.63 -16.75
N ASN A 464 0.19 -12.18 -16.99
CA ASN A 464 0.81 -13.04 -15.99
C ASN A 464 1.10 -12.29 -14.70
N MET A 465 1.58 -11.06 -14.79
CA MET A 465 1.89 -10.29 -13.59
C MET A 465 0.62 -10.00 -12.78
N ALA A 466 -0.46 -9.62 -13.46
CA ALA A 466 -1.72 -9.36 -12.77
C ALA A 466 -2.26 -10.60 -12.08
N SER A 467 -2.29 -11.73 -12.82
CA SER A 467 -2.74 -12.96 -12.21
C SER A 467 -1.80 -13.43 -11.11
N LEU A 468 -0.52 -13.06 -11.19
CA LEU A 468 0.41 -13.39 -10.12
C LEU A 468 0.09 -12.62 -8.85
N ASN A 469 -0.24 -11.34 -8.97
CA ASN A 469 -0.70 -10.60 -7.79
C ASN A 469 -1.97 -11.22 -7.21
N SER A 470 -2.96 -11.47 -8.06
CA SER A 470 -4.22 -12.03 -7.56
C SER A 470 -4.08 -13.47 -7.11
N CYS A 471 -2.96 -14.13 -7.42
CA CYS A 471 -2.65 -15.47 -6.93
C CYS A 471 -1.90 -15.44 -5.60
N ALA A 472 -0.97 -14.49 -5.46
CA ALA A 472 -0.14 -14.39 -4.27
C ALA A 472 -0.78 -13.58 -3.17
N ASN A 473 -1.96 -12.98 -3.41
CA ASN A 473 -2.65 -12.29 -2.33
C ASN A 473 -2.72 -13.14 -1.05
N PRO A 474 -3.26 -14.37 -1.09
CA PRO A 474 -3.30 -15.15 0.16
C PRO A 474 -1.92 -15.56 0.65
N ILE A 475 -1.03 -15.97 -0.26
CA ILE A 475 0.30 -16.41 0.15
C ILE A 475 1.10 -15.26 0.72
N ALA A 476 1.10 -14.11 0.03
CA ALA A 476 1.80 -12.95 0.56
C ALA A 476 1.16 -12.42 1.83
N LEU A 477 -0.14 -12.66 2.04
CA LEU A 477 -0.74 -12.38 3.34
C LEU A 477 -0.19 -13.32 4.41
N TYR A 478 0.04 -14.58 4.04
CA TYR A 478 0.68 -15.51 4.96
C TYR A 478 2.11 -15.10 5.29
N LEU A 479 2.75 -14.39 4.35
CA LEU A 479 4.21 -14.19 4.41
C LEU A 479 4.65 -13.51 5.70
N VAL A 480 4.15 -12.29 5.94
CA VAL A 480 4.68 -11.46 7.02
C VAL A 480 3.65 -11.26 8.12
N SER A 481 2.76 -12.24 8.30
CA SER A 481 1.77 -12.20 9.37
C SER A 481 1.76 -13.56 10.06
N LYS A 482 1.89 -13.55 11.40
CA LYS A 482 2.01 -14.80 12.14
C LYS A 482 0.69 -15.54 12.20
N ARG A 483 -0.44 -14.82 12.27
CA ARG A 483 -1.74 -15.48 12.30
C ARG A 483 -1.99 -16.24 11.01
N PHE A 484 -1.74 -15.61 9.87
CA PHE A 484 -1.92 -16.29 8.60
C PHE A 484 -0.83 -17.32 8.35
N LYS A 485 0.34 -17.16 8.98
CA LYS A 485 1.34 -18.23 8.95
C LYS A 485 0.82 -19.47 9.65
N ASN A 486 0.18 -19.29 10.81
CA ASN A 486 -0.44 -20.41 11.52
C ASN A 486 -1.56 -21.03 10.71
N ALA A 487 -2.38 -20.19 10.08
CA ALA A 487 -3.47 -20.71 9.24
C ALA A 487 -2.93 -21.52 8.07
N PHE A 488 -1.86 -21.01 7.43
CA PHE A 488 -1.24 -21.73 6.32
C PHE A 488 -0.61 -23.03 6.79
N LYS A 489 -0.05 -23.03 7.99
CA LYS A 489 0.50 -24.25 8.58
C LYS A 489 -0.60 -25.28 8.78
N SER A 490 -1.71 -24.87 9.37
CA SER A 490 -2.74 -25.82 9.80
C SER A 490 -3.55 -26.34 8.61
N ALA A 491 -3.91 -25.46 7.68
CA ALA A 491 -4.73 -25.87 6.54
C ALA A 491 -3.99 -26.86 5.66
N LEU A 492 -4.63 -27.99 5.38
CA LEU A 492 -4.01 -29.04 4.58
C LEU A 492 -4.97 -29.58 3.52
N CYS A 493 -5.75 -30.59 3.88
CA CYS A 493 -6.65 -31.25 2.93
C CYS A 493 -8.07 -30.71 2.99
N CYS A 494 -8.68 -30.68 4.17
CA CYS A 494 -10.04 -30.21 4.32
C CYS A 494 -10.29 -29.65 5.71
N CYS B 1 -8.09 -5.07 -27.77
CA CYS B 1 -7.71 -3.67 -27.85
C CYS B 1 -8.54 -2.90 -28.87
N SER B 2 -8.01 -1.76 -29.31
CA SER B 2 -8.67 -0.92 -30.30
C SER B 2 -7.62 -0.27 -31.19
N CYS B 3 -8.10 0.38 -32.24
CA CYS B 3 -7.28 1.17 -33.14
C CYS B 3 -8.00 2.49 -33.41
N LYS B 4 -7.27 3.44 -33.99
CA LYS B 4 -7.86 4.75 -34.27
C LYS B 4 -9.00 4.63 -35.27
N ASP B 5 -8.77 3.97 -36.39
CA ASP B 5 -9.80 3.76 -37.39
C ASP B 5 -9.67 2.34 -37.94
N MET B 6 -10.52 2.03 -38.91
CA MET B 6 -10.51 0.73 -39.58
C MET B 6 -9.57 0.69 -40.77
N THR B 7 -8.92 1.81 -41.11
CA THR B 7 -8.04 1.85 -42.28
C THR B 7 -6.74 1.07 -42.05
N ASP B 8 -6.33 0.87 -40.80
CA ASP B 8 -5.08 0.20 -40.46
C ASP B 8 -5.36 -1.28 -40.22
N LYS B 9 -4.91 -2.14 -41.15
CA LYS B 9 -5.11 -3.56 -41.01
C LYS B 9 -4.10 -4.20 -40.07
N GLU B 10 -2.92 -3.60 -39.93
CA GLU B 10 -1.88 -4.16 -39.08
C GLU B 10 -2.29 -4.12 -37.61
N CYS B 11 -2.87 -3.00 -37.17
CA CYS B 11 -3.36 -2.92 -35.79
C CYS B 11 -4.54 -3.87 -35.56
N LEU B 12 -5.35 -4.09 -36.60
CA LEU B 12 -6.41 -5.08 -36.48
C LEU B 12 -5.84 -6.49 -36.28
N TYR B 13 -4.84 -6.87 -37.08
CA TYR B 13 -4.20 -8.17 -36.87
C TYR B 13 -3.52 -8.24 -35.51
N PHE B 14 -2.99 -7.11 -35.03
CA PHE B 14 -2.46 -7.04 -33.67
C PHE B 14 -3.52 -7.44 -32.66
N CYS B 15 -4.66 -6.75 -32.67
CA CYS B 15 -5.73 -7.07 -31.72
C CYS B 15 -6.31 -8.46 -31.97
N HIS B 16 -6.10 -9.02 -33.16
CA HIS B 16 -6.43 -10.43 -33.37
C HIS B 16 -5.47 -11.33 -32.61
N GLN B 17 -4.19 -10.98 -32.59
CA GLN B 17 -3.19 -11.75 -31.86
C GLN B 17 -3.05 -11.31 -30.41
N ASP B 18 -3.49 -10.10 -30.08
CA ASP B 18 -3.27 -9.53 -28.75
C ASP B 18 -4.07 -10.29 -27.68
N VAL B 19 -3.69 -10.05 -26.43
CA VAL B 19 -4.45 -10.53 -25.28
C VAL B 19 -5.82 -9.88 -25.27
N ILE B 20 -6.72 -10.38 -24.44
CA ILE B 20 -8.06 -9.82 -24.34
C ILE B 20 -8.16 -8.98 -23.07
N TRP B 21 -7.83 -7.70 -23.19
CA TRP B 21 -7.86 -6.77 -22.08
C TRP B 21 -8.11 -5.35 -22.58
#